data_2EFW
#
_entry.id   2EFW
#
_cell.length_a   124.012
_cell.length_b   129.626
_cell.length_c   125.221
_cell.angle_alpha   90.00
_cell.angle_beta   90.00
_cell.angle_gamma   90.00
#
_symmetry.space_group_name_H-M   'C 2 2 21'
#
loop_
_entity.id
_entity.type
_entity.pdbx_description
1 polymer "DNA (5'-D(*DCP*DT*DAP*DTP*DGP*DTP*DAP*DCP*DCP*DAP*DAP*DAP*DTP*DGP*DTP*DTP*DCP*DAP*DGP*DTP*DC)-3')"
2 polymer "DNA (5'-D(*DGP*DAP*DCP*DTP*DGP*DAP*DAP*DCP*DAP*DTP*DTP*DTP*DGP*DGP*DTP*DAP*DCP*DAP*DTP*DAP*DG)-3')"
3 polymer 'Replication termination protein'
4 water water
#
loop_
_entity_poly.entity_id
_entity_poly.type
_entity_poly.pdbx_seq_one_letter_code
_entity_poly.pdbx_strand_id
1 'polydeoxyribonucleotide'
;(DC)(DT)(DA)(DT)(DG)(DT)(DA)(DC)(DC)(DA)(DA)(DA)(DT)(DG)(DT)(DT)(DC)(DA)(DG)(DT)
(DC)
;
D,I
2 'polydeoxyribonucleotide'
;(DG)(DA)(DC)(DT)(DG)(DA)(DA)(DC)(DA)(DT)(DT)(DT)(DG)(DG)(DT)(DA)(DC)(DA)(DT)(DA)
(DG)
;
E,J
3 'polypeptide(L)'
;MKEEKRSSTGFLVKQRAFLKLYMITMTEQERLYGLKLLEVLRSEFKEIGFKPNHTEVYRSLHELLDDGILKQIKVKKEGA
KLQEVVLYQFKDYEAAKLYKKQLKVELDRSKKLIEKALSDNF
;
A,B,F,G
#
loop_
_chem_comp.id
_chem_comp.type
_chem_comp.name
_chem_comp.formula
DA DNA linking 2'-DEOXYADENOSINE-5'-MONOPHOSPHATE 'C10 H14 N5 O6 P'
DC DNA linking 2'-DEOXYCYTIDINE-5'-MONOPHOSPHATE 'C9 H14 N3 O7 P'
DG DNA linking 2'-DEOXYGUANOSINE-5'-MONOPHOSPHATE 'C10 H14 N5 O7 P'
DT DNA linking THYMIDINE-5'-MONOPHOSPHATE 'C10 H15 N2 O8 P'
#
# COMPACT_ATOMS: atom_id res chain seq x y z
N SER E 8 1.88 -39.88 39.97
CA SER E 8 2.21 -38.91 38.89
C SER E 8 1.17 -37.78 38.83
N THR E 9 1.54 -36.71 38.11
CA THR E 9 0.58 -35.69 37.70
C THR E 9 -0.02 -36.08 36.36
N GLY E 10 0.51 -37.16 35.79
CA GLY E 10 -0.07 -37.74 34.59
C GLY E 10 0.21 -36.96 33.33
N PHE E 11 1.43 -36.45 33.20
CA PHE E 11 1.77 -35.82 31.94
C PHE E 11 2.28 -36.93 31.00
N LEU E 12 2.94 -36.58 29.90
CA LEU E 12 3.41 -37.54 28.94
C LEU E 12 4.22 -38.66 29.61
N VAL E 13 4.33 -39.80 28.93
CA VAL E 13 5.23 -40.88 29.36
C VAL E 13 6.70 -40.35 29.41
N LYS E 14 7.50 -40.87 30.34
CA LYS E 14 8.89 -40.42 30.46
C LYS E 14 9.84 -41.31 29.65
N GLN E 15 10.95 -40.76 29.17
CA GLN E 15 11.91 -41.50 28.31
C GLN E 15 12.39 -42.82 28.90
N ARG E 16 12.61 -42.85 30.22
CA ARG E 16 13.10 -44.06 30.87
C ARG E 16 12.11 -45.20 30.66
N ALA E 17 10.82 -44.87 30.68
CA ALA E 17 9.72 -45.85 30.52
C ALA E 17 9.52 -46.30 29.09
N PHE E 18 9.52 -45.32 28.19
CA PHE E 18 9.39 -45.50 26.76
C PHE E 18 10.45 -46.45 26.28
N LEU E 19 11.70 -46.19 26.70
CA LEU E 19 12.82 -47.09 26.36
C LEU E 19 12.70 -48.48 26.96
N LYS E 20 12.29 -48.59 28.22
CA LYS E 20 12.15 -49.92 28.82
C LYS E 20 11.18 -50.78 28.02
N LEU E 21 10.04 -50.18 27.64
CA LEU E 21 9.02 -50.92 26.90
C LEU E 21 9.62 -51.46 25.62
N TYR E 22 10.41 -50.63 24.92
CA TYR E 22 11.05 -51.04 23.67
C TYR E 22 12.04 -52.20 23.90
N MET E 23 12.67 -52.21 25.07
CA MET E 23 13.58 -53.30 25.41
C MET E 23 12.83 -54.62 25.46
N ILE E 24 11.64 -54.60 26.04
CA ILE E 24 10.85 -55.81 26.20
C ILE E 24 10.41 -56.31 24.83
N THR E 25 9.89 -55.40 24.03
CA THR E 25 9.46 -55.73 22.69
C THR E 25 10.59 -56.38 21.88
N MET E 26 11.81 -55.89 22.07
CA MET E 26 12.94 -56.34 21.27
C MET E 26 13.44 -57.71 21.76
N THR E 27 13.52 -57.89 23.09
CA THR E 27 13.87 -59.19 23.69
C THR E 27 12.96 -60.29 23.19
N GLU E 28 11.67 -59.97 23.11
CA GLU E 28 10.66 -60.83 22.50
C GLU E 28 11.03 -61.34 21.12
N GLN E 29 11.57 -60.46 20.28
CA GLN E 29 11.88 -60.80 18.89
C GLN E 29 13.27 -61.40 18.68
N GLU E 30 14.25 -60.96 19.47
CA GLU E 30 15.64 -61.44 19.38
C GLU E 30 16.39 -61.03 20.63
N ARG E 31 17.04 -61.99 21.31
CA ARG E 31 17.88 -61.67 22.45
C ARG E 31 19.08 -60.84 22.00
N LEU E 32 19.12 -59.57 22.41
CA LEU E 32 20.21 -58.64 22.06
C LEU E 32 20.98 -58.07 23.26
N TYR E 33 22.00 -57.26 22.94
CA TYR E 33 22.84 -56.55 23.91
C TYR E 33 22.78 -55.03 23.65
N GLY E 34 23.11 -54.27 24.70
CA GLY E 34 22.94 -52.82 24.77
C GLY E 34 23.20 -51.96 23.54
N LEU E 35 24.38 -52.11 22.94
CA LEU E 35 24.74 -51.23 21.85
C LEU E 35 24.02 -51.58 20.57
N LYS E 36 23.50 -52.80 20.50
CA LYS E 36 22.72 -53.18 19.31
C LYS E 36 21.31 -52.60 19.43
N LEU E 37 20.70 -52.77 20.59
CA LEU E 37 19.44 -52.12 20.91
C LEU E 37 19.42 -50.63 20.54
N LEU E 38 20.51 -49.94 20.82
CA LEU E 38 20.65 -48.52 20.52
C LEU E 38 20.78 -48.32 19.00
N GLU E 39 21.59 -49.13 18.35
CA GLU E 39 21.74 -49.02 16.92
C GLU E 39 20.36 -49.09 16.26
N VAL E 40 19.53 -49.99 16.76
CA VAL E 40 18.23 -50.27 16.13
C VAL E 40 17.24 -49.14 16.40
N LEU E 41 17.13 -48.75 17.67
CA LEU E 41 16.31 -47.62 18.09
C LEU E 41 16.72 -46.36 17.37
N ARG E 42 18.00 -46.02 17.47
CA ARG E 42 18.54 -44.82 16.83
C ARG E 42 18.11 -44.69 15.37
N SER E 43 18.25 -45.78 14.61
CA SER E 43 17.96 -45.75 13.18
C SER E 43 16.47 -45.86 12.88
N GLU E 44 15.76 -46.69 13.65
CA GLU E 44 14.29 -46.74 13.58
C GLU E 44 13.70 -45.33 13.77
N PHE E 45 14.32 -44.52 14.62
CA PHE E 45 13.81 -43.20 15.00
C PHE E 45 14.49 -41.98 14.40
N LYS E 46 15.34 -42.16 13.40
CA LYS E 46 16.17 -41.05 12.90
C LYS E 46 15.46 -40.12 11.94
N GLU E 47 14.14 -40.26 11.84
CA GLU E 47 13.39 -39.51 10.85
C GLU E 47 12.52 -38.56 11.65
N ILE E 48 12.02 -39.11 12.76
CA ILE E 48 11.31 -38.36 13.77
C ILE E 48 12.29 -37.41 14.46
N GLY E 49 13.53 -37.86 14.62
CA GLY E 49 14.57 -37.09 15.28
C GLY E 49 14.77 -37.41 16.76
N PHE E 50 14.27 -38.56 17.23
CA PHE E 50 14.66 -39.05 18.56
C PHE E 50 16.00 -39.78 18.45
N LYS E 51 17.01 -39.23 19.13
CA LYS E 51 18.36 -39.78 19.15
C LYS E 51 18.78 -40.26 20.59
N PRO E 52 18.15 -41.33 21.09
CA PRO E 52 18.59 -41.73 22.44
C PRO E 52 20.11 -41.94 22.50
N ASN E 53 20.64 -42.08 23.70
CA ASN E 53 22.08 -42.33 23.89
C ASN E 53 22.29 -43.62 24.68
N HIS E 54 23.51 -44.14 24.64
CA HIS E 54 23.79 -45.47 25.16
C HIS E 54 23.53 -45.64 26.66
N THR E 55 23.64 -44.57 27.43
CA THR E 55 23.54 -44.70 28.89
C THR E 55 22.13 -44.72 29.45
N GLU E 56 21.19 -44.06 28.77
CA GLU E 56 19.80 -44.12 29.19
C GLU E 56 19.27 -45.52 28.78
N VAL E 57 19.59 -45.94 27.55
CA VAL E 57 19.35 -47.33 27.14
C VAL E 57 19.84 -48.35 28.20
N TYR E 58 21.06 -48.14 28.72
CA TYR E 58 21.67 -49.02 29.71
C TYR E 58 20.95 -48.98 31.06
N ARG E 59 20.77 -47.76 31.59
CA ARG E 59 19.93 -47.49 32.77
C ARG E 59 18.53 -48.07 32.65
N SER E 60 17.92 -47.98 31.47
CA SER E 60 16.67 -48.69 31.16
C SER E 60 16.80 -50.21 31.37
N LEU E 61 17.76 -50.85 30.70
CA LEU E 61 17.96 -52.30 30.82
C LEU E 61 18.21 -52.67 32.28
N HIS E 62 19.12 -51.93 32.90
CA HIS E 62 19.44 -52.06 34.31
C HIS E 62 18.22 -52.03 35.26
N GLU E 63 17.33 -51.07 35.07
CA GLU E 63 16.09 -51.01 35.84
C GLU E 63 15.23 -52.27 35.65
N LEU E 64 15.09 -52.68 34.39
CA LEU E 64 14.40 -53.95 34.11
C LEU E 64 14.96 -55.14 34.91
N LEU E 65 16.25 -55.10 35.27
CA LEU E 65 16.80 -56.17 36.12
C LEU E 65 16.28 -56.10 37.56
N ASP E 66 16.29 -54.89 38.15
CA ASP E 66 15.70 -54.64 39.48
C ASP E 66 14.21 -54.96 39.51
N ASP E 67 13.50 -54.56 38.46
CA ASP E 67 12.10 -54.97 38.22
C ASP E 67 11.91 -56.50 38.14
N GLY E 68 12.98 -57.23 37.81
CA GLY E 68 12.89 -58.69 37.67
C GLY E 68 12.42 -59.16 36.31
N ILE E 69 12.23 -58.24 35.37
CA ILE E 69 11.73 -58.58 34.05
C ILE E 69 12.83 -59.19 33.18
N LEU E 70 14.06 -58.70 33.34
CA LEU E 70 15.16 -59.22 32.54
C LEU E 70 16.26 -59.84 33.37
N LYS E 71 17.09 -60.64 32.69
CA LYS E 71 18.33 -61.21 33.23
C LYS E 71 19.45 -60.96 32.22
N GLN E 72 20.68 -60.93 32.71
CA GLN E 72 21.84 -60.81 31.83
C GLN E 72 22.34 -62.21 31.51
N ILE E 73 22.81 -62.39 30.29
CA ILE E 73 23.61 -63.56 29.97
C ILE E 73 24.87 -63.06 29.28
N LYS E 74 26.01 -63.37 29.88
CA LYS E 74 27.28 -63.01 29.27
C LYS E 74 27.65 -64.05 28.23
N VAL E 75 27.79 -63.62 26.98
CA VAL E 75 28.25 -64.45 25.87
C VAL E 75 29.34 -63.77 25.04
N LYS E 76 29.84 -64.44 24.00
CA LYS E 76 30.86 -63.86 23.14
C LYS E 76 30.29 -63.26 21.85
N LYS E 77 31.04 -62.31 21.28
CA LYS E 77 30.67 -61.64 20.04
C LYS E 77 31.62 -62.01 18.90
N GLU E 78 31.23 -61.68 17.66
CA GLU E 78 32.03 -62.02 16.47
C GLU E 78 32.58 -60.80 15.67
N GLY E 79 33.01 -59.74 16.38
CA GLY E 79 33.61 -58.58 15.71
C GLY E 79 35.02 -58.85 15.18
N ALA E 80 35.49 -60.09 15.36
CA ALA E 80 36.86 -60.53 15.09
C ALA E 80 37.80 -60.23 16.26
N LYS E 81 37.23 -59.88 17.41
CA LYS E 81 37.99 -59.29 18.53
C LYS E 81 38.10 -60.20 19.77
N LEU E 82 37.56 -61.42 19.68
CA LEU E 82 37.27 -62.25 20.86
C LEU E 82 37.04 -61.36 22.08
N GLN E 83 35.86 -60.75 22.12
CA GLN E 83 35.51 -59.85 23.19
C GLN E 83 34.65 -60.58 24.22
N GLU E 84 33.44 -60.04 24.46
CA GLU E 84 32.38 -60.63 25.27
C GLU E 84 31.24 -59.62 25.42
N VAL E 85 30.01 -60.09 25.23
CA VAL E 85 28.84 -59.20 25.14
C VAL E 85 27.74 -59.62 26.12
N VAL E 86 26.82 -58.71 26.44
CA VAL E 86 25.76 -59.05 27.40
C VAL E 86 24.35 -59.00 26.81
N LEU E 87 23.75 -60.17 26.63
CA LEU E 87 22.40 -60.28 26.11
C LEU E 87 21.41 -60.33 27.28
N TYR E 88 20.18 -59.88 27.03
CA TYR E 88 19.10 -59.98 28.00
C TYR E 88 18.01 -60.99 27.63
N GLN E 89 17.48 -61.68 28.63
CA GLN E 89 16.44 -62.68 28.44
C GLN E 89 15.41 -62.62 29.57
N PHE E 90 14.17 -62.94 29.26
CA PHE E 90 13.12 -62.77 30.22
C PHE E 90 13.41 -63.61 31.46
N LYS E 91 13.34 -62.97 32.60
CA LYS E 91 13.36 -63.71 33.82
C LYS E 91 11.89 -63.95 34.10
N ASP E 92 11.19 -62.90 34.53
CA ASP E 92 9.80 -63.04 34.92
C ASP E 92 8.79 -62.51 33.89
N TYR E 93 8.36 -63.43 33.02
CA TYR E 93 7.49 -63.13 31.90
C TYR E 93 6.18 -62.42 32.27
N GLU E 94 5.61 -62.79 33.42
CA GLU E 94 4.36 -62.19 33.85
C GLU E 94 4.55 -60.69 34.07
N ALA E 95 5.73 -60.32 34.56
CA ALA E 95 5.99 -58.92 34.86
C ALA E 95 6.30 -58.10 33.60
N ALA E 96 6.87 -58.73 32.58
CA ALA E 96 7.00 -58.08 31.28
C ALA E 96 5.62 -57.71 30.70
N LYS E 97 4.65 -58.59 30.92
CA LYS E 97 3.28 -58.39 30.44
C LYS E 97 2.62 -57.24 31.19
N LEU E 98 2.69 -57.34 32.51
CA LEU E 98 2.15 -56.32 33.42
C LEU E 98 2.77 -54.96 33.11
N TYR E 99 4.10 -54.90 32.94
CA TYR E 99 4.75 -53.63 32.54
C TYR E 99 4.28 -53.15 31.16
N LYS E 100 4.05 -54.09 30.24
CA LYS E 100 3.60 -53.76 28.88
C LYS E 100 2.20 -53.18 28.88
N LYS E 101 1.39 -53.68 29.81
CA LYS E 101 0.02 -53.19 30.00
C LYS E 101 0.00 -51.77 30.56
N GLN E 102 0.82 -51.50 31.58
CA GLN E 102 0.85 -50.18 32.23
C GLN E 102 1.27 -49.08 31.23
N LEU E 103 2.10 -49.44 30.27
CA LEU E 103 2.65 -48.48 29.34
C LEU E 103 1.74 -48.14 28.17
N LYS E 104 0.85 -49.08 27.83
CA LYS E 104 -0.23 -48.90 26.85
C LYS E 104 -1.17 -47.78 27.32
N VAL E 105 -1.66 -47.94 28.55
CA VAL E 105 -2.40 -46.92 29.25
C VAL E 105 -1.67 -45.59 29.16
N GLU E 106 -0.41 -45.57 29.59
CA GLU E 106 0.39 -44.34 29.62
C GLU E 106 0.49 -43.72 28.23
N LEU E 107 0.74 -44.57 27.23
CA LEU E 107 0.90 -44.12 25.84
C LEU E 107 -0.40 -43.65 25.23
N ASP E 108 -1.51 -44.23 25.69
CA ASP E 108 -2.85 -43.85 25.24
C ASP E 108 -3.21 -42.43 25.72
N ARG E 109 -3.02 -42.18 27.02
CA ARG E 109 -3.23 -40.83 27.58
C ARG E 109 -2.36 -39.83 26.84
N SER E 110 -1.12 -40.25 26.58
CA SER E 110 -0.17 -39.43 25.88
C SER E 110 -0.63 -39.05 24.47
N LYS E 111 -1.36 -39.96 23.81
CA LYS E 111 -1.87 -39.70 22.47
C LYS E 111 -3.01 -38.70 22.52
N LYS E 112 -3.90 -38.88 23.50
CA LYS E 112 -5.03 -37.95 23.67
C LYS E 112 -4.53 -36.53 23.94
N LEU E 113 -3.53 -36.41 24.82
CA LEU E 113 -2.94 -35.10 25.19
C LEU E 113 -2.37 -34.32 24.02
N ILE E 114 -1.50 -34.94 23.25
CA ILE E 114 -0.91 -34.28 22.08
C ILE E 114 -1.96 -33.95 21.02
N GLU E 115 -2.86 -34.89 20.76
CA GLU E 115 -3.96 -34.65 19.81
C GLU E 115 -4.86 -33.51 20.33
N LYS E 116 -5.24 -33.60 21.61
CA LYS E 116 -6.02 -32.56 22.27
C LYS E 116 -5.31 -31.21 22.22
N ALA E 117 -4.01 -31.22 22.47
CA ALA E 117 -3.20 -30.01 22.44
C ALA E 117 -3.11 -29.47 21.03
N LEU E 118 -2.96 -30.36 20.06
CA LEU E 118 -2.85 -29.95 18.65
C LEU E 118 -4.15 -29.34 18.15
N SER E 119 -5.23 -29.67 18.84
CA SER E 119 -6.57 -29.24 18.47
C SER E 119 -6.86 -27.86 19.04
N ASP E 120 -6.79 -27.75 20.37
CA ASP E 120 -7.13 -26.53 21.09
C ASP E 120 -6.27 -25.32 20.68
N ASN E 121 -5.02 -25.57 20.31
CA ASN E 121 -4.08 -24.48 20.05
C ASN E 121 -3.85 -24.16 18.57
N PHE E 122 -4.23 -25.06 17.67
CA PHE E 122 -3.94 -24.83 16.24
C PHE E 122 -5.14 -24.71 15.30
N SER F 8 19.76 -31.74 23.59
CA SER F 8 18.51 -32.56 23.48
C SER F 8 18.56 -33.66 22.44
N THR F 9 17.86 -34.74 22.80
CA THR F 9 17.79 -35.99 22.08
C THR F 9 16.54 -35.96 21.20
N GLY F 10 15.62 -35.07 21.55
CA GLY F 10 14.36 -34.91 20.81
C GLY F 10 13.29 -35.90 21.24
N PHE F 11 13.10 -36.10 22.54
CA PHE F 11 11.98 -36.93 22.99
C PHE F 11 10.71 -36.09 22.94
N LEU F 12 9.81 -36.28 23.90
CA LEU F 12 8.51 -35.59 23.84
C LEU F 12 8.63 -34.11 24.18
N VAL F 13 7.55 -33.37 23.99
CA VAL F 13 7.43 -31.99 24.51
C VAL F 13 7.49 -31.97 26.03
N LYS F 14 8.13 -30.93 26.56
CA LYS F 14 8.27 -30.68 27.98
C LYS F 14 6.95 -30.12 28.55
N GLN F 15 6.63 -30.50 29.80
CA GLN F 15 5.38 -30.07 30.48
C GLN F 15 5.22 -28.56 30.44
N ARG F 16 6.30 -27.84 30.73
CA ARG F 16 6.26 -26.40 30.83
C ARG F 16 5.96 -25.80 29.47
N ALA F 17 6.68 -26.23 28.45
CA ALA F 17 6.46 -25.73 27.11
C ALA F 17 5.00 -25.99 26.72
N PHE F 18 4.38 -26.95 27.40
CA PHE F 18 3.07 -27.42 26.99
C PHE F 18 1.94 -26.57 27.59
N LEU F 19 2.15 -26.12 28.83
CA LEU F 19 1.22 -25.23 29.49
C LEU F 19 1.30 -23.84 28.92
N LYS F 20 2.53 -23.35 28.80
CA LYS F 20 2.81 -22.05 28.19
C LYS F 20 2.08 -21.88 26.86
N LEU F 21 2.10 -22.92 26.03
CA LEU F 21 1.39 -22.92 24.75
C LEU F 21 -0.11 -22.65 24.91
N TYR F 22 -0.71 -23.26 25.93
CA TYR F 22 -2.12 -23.08 26.19
C TYR F 22 -2.40 -21.66 26.63
N MET F 23 -1.46 -21.12 27.40
CA MET F 23 -1.62 -19.80 27.96
C MET F 23 -1.50 -18.81 26.85
N ILE F 24 -0.59 -19.07 25.92
CA ILE F 24 -0.48 -18.18 24.78
C ILE F 24 -1.81 -18.16 24.03
N THR F 25 -2.37 -19.33 23.75
CA THR F 25 -3.65 -19.44 23.01
C THR F 25 -4.82 -18.81 23.77
N MET F 26 -4.95 -19.11 25.06
CA MET F 26 -6.01 -18.52 25.89
C MET F 26 -5.92 -17.00 25.92
N THR F 27 -4.70 -16.47 25.90
CA THR F 27 -4.50 -15.03 25.80
C THR F 27 -5.06 -14.50 24.46
N GLU F 28 -4.85 -15.27 23.39
CA GLU F 28 -5.40 -14.90 22.08
C GLU F 28 -6.92 -14.89 22.10
N GLN F 29 -7.50 -15.74 22.94
CA GLN F 29 -8.96 -15.85 23.03
C GLN F 29 -9.52 -14.99 24.13
N GLU F 30 -8.66 -14.19 24.76
CA GLU F 30 -9.04 -13.33 25.88
C GLU F 30 -9.71 -14.13 27.00
N ARG F 31 -9.25 -15.38 27.16
CA ARG F 31 -9.80 -16.33 28.14
C ARG F 31 -8.86 -16.50 29.33
N LEU F 32 -7.70 -15.84 29.28
CA LEU F 32 -6.68 -15.96 30.32
C LEU F 32 -6.76 -14.75 31.25
N TYR F 33 -7.55 -14.89 32.30
CA TYR F 33 -7.74 -13.87 33.32
C TYR F 33 -7.98 -14.52 34.68
N GLY F 34 -7.98 -13.74 35.76
CA GLY F 34 -8.18 -14.30 37.09
C GLY F 34 -6.93 -15.01 37.58
N LEU F 35 -6.91 -15.35 38.87
CA LEU F 35 -5.76 -16.06 39.46
C LEU F 35 -5.88 -17.58 39.39
N LYS F 36 -7.11 -18.08 39.36
CA LYS F 36 -7.36 -19.51 39.35
C LYS F 36 -7.16 -20.10 37.95
N LEU F 37 -5.97 -19.90 37.39
CA LEU F 37 -5.62 -20.50 36.09
C LEU F 37 -5.41 -21.99 36.19
N LEU F 38 -4.98 -22.41 37.37
CA LEU F 38 -4.80 -23.81 37.72
C LEU F 38 -6.09 -24.61 37.50
N GLU F 39 -7.20 -24.10 38.03
CA GLU F 39 -8.45 -24.84 37.96
C GLU F 39 -9.03 -24.79 36.55
N VAL F 40 -8.88 -23.63 35.90
CA VAL F 40 -9.21 -23.48 34.48
C VAL F 40 -8.45 -24.51 33.65
N LEU F 41 -7.14 -24.64 33.88
CA LEU F 41 -6.34 -25.69 33.21
C LEU F 41 -6.61 -27.11 33.70
N ARG F 42 -6.75 -27.32 35.01
CA ARG F 42 -7.16 -28.64 35.50
C ARG F 42 -8.50 -29.11 34.89
N SER F 43 -9.51 -28.26 34.93
CA SER F 43 -10.81 -28.56 34.32
C SER F 43 -10.69 -29.04 32.86
N GLU F 44 -9.83 -28.39 32.09
CA GLU F 44 -9.63 -28.69 30.68
C GLU F 44 -9.09 -30.11 30.42
N PHE F 45 -8.19 -30.59 31.30
CA PHE F 45 -7.50 -31.87 31.07
C PHE F 45 -7.95 -33.03 31.97
N LYS F 46 -9.02 -32.83 32.75
CA LYS F 46 -9.49 -33.86 33.71
C LYS F 46 -9.96 -35.18 33.09
N GLU F 47 -10.42 -35.12 31.84
CA GLU F 47 -10.85 -36.31 31.10
C GLU F 47 -9.69 -37.31 30.93
N ILE F 48 -8.68 -36.89 30.17
CA ILE F 48 -7.49 -37.68 29.89
C ILE F 48 -6.78 -38.15 31.17
N GLY F 49 -6.66 -37.27 32.15
CA GLY F 49 -6.08 -37.64 33.43
C GLY F 49 -4.82 -36.86 33.81
N PHE F 50 -4.51 -35.85 33.01
CA PHE F 50 -3.44 -34.90 33.35
C PHE F 50 -3.93 -33.93 34.44
N LYS F 51 -3.17 -33.82 35.53
CA LYS F 51 -3.51 -32.92 36.64
C LYS F 51 -2.29 -32.14 37.18
N PRO F 52 -1.93 -31.01 36.53
CA PRO F 52 -0.83 -30.15 36.98
C PRO F 52 -1.03 -29.66 38.41
N ASN F 53 0.08 -29.35 39.08
CA ASN F 53 0.04 -28.75 40.40
C ASN F 53 0.22 -27.24 40.26
N HIS F 54 -0.06 -26.50 41.32
CA HIS F 54 -0.01 -25.04 41.26
C HIS F 54 1.38 -24.52 40.85
N THR F 55 2.42 -25.13 41.40
CA THR F 55 3.76 -24.59 41.19
C THR F 55 4.24 -24.70 39.76
N GLU F 56 3.78 -25.70 39.04
CA GLU F 56 4.05 -25.75 37.61
C GLU F 56 3.31 -24.67 36.84
N VAL F 57 2.04 -24.48 37.19
CA VAL F 57 1.25 -23.46 36.50
C VAL F 57 1.84 -22.09 36.81
N TYR F 58 2.13 -21.85 38.10
CA TYR F 58 2.90 -20.68 38.47
C TYR F 58 4.19 -20.55 37.64
N ARG F 59 4.95 -21.64 37.51
CA ARG F 59 6.26 -21.48 36.86
C ARG F 59 6.13 -21.17 35.37
N SER F 60 5.18 -21.83 34.73
CA SER F 60 4.85 -21.63 33.34
C SER F 60 4.31 -20.24 33.10
N LEU F 61 3.36 -19.81 33.94
CA LEU F 61 2.76 -18.49 33.76
C LEU F 61 3.82 -17.40 33.93
N HIS F 62 4.65 -17.56 34.94
CA HIS F 62 5.64 -16.56 35.31
C HIS F 62 6.88 -16.49 34.45
N GLU F 63 7.05 -17.48 33.58
CA GLU F 63 8.09 -17.45 32.58
C GLU F 63 7.71 -16.54 31.42
N LEU F 64 6.43 -16.55 31.05
CA LEU F 64 5.97 -15.74 29.92
C LEU F 64 5.94 -14.24 30.24
N LEU F 65 5.83 -13.91 31.52
CA LEU F 65 5.89 -12.54 32.00
C LEU F 65 7.33 -12.08 31.97
N ASP F 66 8.18 -12.86 32.63
CA ASP F 66 9.59 -12.56 32.74
C ASP F 66 10.23 -12.53 31.35
N ASP F 67 9.90 -13.52 30.53
CA ASP F 67 10.36 -13.52 29.13
C ASP F 67 9.80 -12.35 28.32
N GLY F 68 8.78 -11.67 28.85
CA GLY F 68 8.24 -10.48 28.20
C GLY F 68 7.16 -10.72 27.17
N ILE F 69 6.68 -11.95 27.07
CA ILE F 69 5.58 -12.30 26.18
C ILE F 69 4.21 -11.81 26.68
N LEU F 70 3.97 -11.94 27.98
CA LEU F 70 2.71 -11.51 28.59
C LEU F 70 2.88 -10.29 29.48
N LYS F 71 1.79 -9.53 29.63
CA LYS F 71 1.73 -8.46 30.63
C LYS F 71 0.54 -8.66 31.59
N GLN F 72 0.72 -8.24 32.83
CA GLN F 72 -0.30 -8.44 33.85
C GLN F 72 -0.97 -7.12 34.11
N ILE F 73 -2.30 -7.10 33.96
CA ILE F 73 -3.06 -5.86 34.00
C ILE F 73 -4.29 -5.97 34.91
N LYS F 74 -4.88 -4.82 35.22
CA LYS F 74 -6.09 -4.80 35.99
C LYS F 74 -7.20 -4.19 35.16
N VAL F 75 -8.31 -4.92 35.03
CA VAL F 75 -9.49 -4.39 34.34
C VAL F 75 -10.74 -4.70 35.18
N LYS F 76 -11.86 -4.12 34.77
CA LYS F 76 -13.15 -4.31 35.44
C LYS F 76 -13.75 -5.66 35.05
N LYS F 77 -14.21 -6.42 36.04
CA LYS F 77 -14.83 -7.73 35.76
C LYS F 77 -15.84 -7.58 34.64
N GLU F 78 -15.49 -8.14 33.48
CA GLU F 78 -16.24 -7.96 32.25
C GLU F 78 -17.77 -7.79 32.53
N GLY F 79 -18.25 -6.56 32.37
CA GLY F 79 -19.65 -6.23 32.63
C GLY F 79 -19.96 -5.49 33.93
N ALA F 80 -18.93 -5.12 34.68
CA ALA F 80 -19.10 -4.56 36.03
C ALA F 80 -19.08 -3.04 36.07
N LYS F 81 -19.30 -2.49 37.27
CA LYS F 81 -19.17 -1.05 37.53
C LYS F 81 -17.89 -0.75 38.29
N LEU F 82 -17.54 -1.63 39.24
CA LEU F 82 -16.45 -1.39 40.19
C LEU F 82 -15.46 -2.55 40.27
N GLN F 83 -15.99 -3.78 40.28
CA GLN F 83 -15.18 -4.97 40.56
C GLN F 83 -14.07 -5.17 39.55
N GLU F 84 -12.88 -5.49 40.07
CA GLU F 84 -11.67 -5.57 39.29
C GLU F 84 -11.12 -6.98 39.25
N VAL F 85 -10.67 -7.40 38.08
CA VAL F 85 -10.03 -8.71 37.93
C VAL F 85 -8.70 -8.56 37.19
N VAL F 86 -7.91 -9.62 37.20
CA VAL F 86 -6.58 -9.62 36.61
C VAL F 86 -6.66 -10.11 35.17
N LEU F 87 -6.06 -9.36 34.25
CA LEU F 87 -6.05 -9.76 32.85
C LEU F 87 -4.64 -9.86 32.26
N TYR F 88 -4.45 -10.83 31.36
CA TYR F 88 -3.21 -10.96 30.62
C TYR F 88 -3.39 -10.61 29.16
N GLN F 89 -2.43 -9.83 28.64
CA GLN F 89 -2.36 -9.45 27.24
C GLN F 89 -0.95 -9.66 26.70
N PHE F 90 -0.80 -9.55 25.38
CA PHE F 90 0.49 -9.75 24.74
C PHE F 90 1.37 -8.51 24.90
N LYS F 91 2.46 -8.64 25.64
CA LYS F 91 3.48 -7.60 25.66
C LYS F 91 4.32 -7.78 24.41
N ASP F 92 4.65 -9.03 24.09
CA ASP F 92 5.41 -9.36 22.88
C ASP F 92 4.69 -10.38 21.97
N TYR F 93 3.77 -9.89 21.14
CA TYR F 93 2.99 -10.79 20.26
C TYR F 93 3.81 -11.44 19.12
N GLU F 94 4.94 -10.83 18.78
CA GLU F 94 5.87 -11.44 17.83
C GLU F 94 6.49 -12.70 18.45
N ALA F 95 7.08 -12.53 19.62
CA ALA F 95 7.73 -13.62 20.34
C ALA F 95 6.76 -14.73 20.75
N ALA F 96 5.47 -14.42 20.70
CA ALA F 96 4.43 -15.36 21.06
C ALA F 96 4.01 -16.21 19.87
N LYS F 97 3.91 -15.57 18.71
CA LYS F 97 3.56 -16.28 17.49
C LYS F 97 4.71 -17.18 17.07
N LEU F 98 5.94 -16.66 17.13
CA LEU F 98 7.11 -17.46 16.78
C LEU F 98 7.10 -18.72 17.63
N TYR F 99 7.02 -18.52 18.94
CA TYR F 99 7.05 -19.59 19.91
C TYR F 99 5.98 -20.62 19.56
N LYS F 100 4.76 -20.14 19.33
CA LYS F 100 3.63 -21.02 19.07
C LYS F 100 3.90 -21.94 17.86
N LYS F 101 4.51 -21.38 16.81
CA LYS F 101 4.97 -22.11 15.63
C LYS F 101 5.94 -23.24 16.05
N GLN F 102 6.96 -22.88 16.83
CA GLN F 102 7.91 -23.84 17.41
C GLN F 102 7.22 -25.03 18.05
N LEU F 103 6.05 -24.77 18.62
CA LEU F 103 5.37 -25.81 19.36
C LEU F 103 4.59 -26.76 18.48
N LYS F 104 4.10 -26.29 17.34
CA LYS F 104 3.45 -27.16 16.37
C LYS F 104 4.41 -28.27 16.00
N VAL F 105 5.61 -27.87 15.55
CA VAL F 105 6.69 -28.78 15.21
C VAL F 105 6.90 -29.74 16.38
N GLU F 106 7.13 -29.17 17.56
CA GLU F 106 7.36 -29.93 18.79
C GLU F 106 6.25 -30.96 19.10
N LEU F 107 5.01 -30.62 18.75
CA LEU F 107 3.87 -31.51 18.95
C LEU F 107 3.76 -32.54 17.83
N ASP F 108 3.98 -32.12 16.59
CA ASP F 108 3.98 -33.01 15.43
C ASP F 108 4.98 -34.14 15.65
N ARG F 109 6.21 -33.76 15.97
CA ARG F 109 7.30 -34.67 16.27
C ARG F 109 6.87 -35.62 17.40
N SER F 110 6.18 -35.10 18.40
CA SER F 110 5.74 -35.91 19.53
C SER F 110 4.68 -36.91 19.13
N LYS F 111 3.74 -36.48 18.29
CA LYS F 111 2.67 -37.36 17.80
C LYS F 111 3.30 -38.60 17.14
N LYS F 112 4.10 -38.34 16.10
CA LYS F 112 4.86 -39.36 15.37
C LYS F 112 5.52 -40.39 16.26
N LEU F 113 6.03 -39.96 17.42
CA LEU F 113 6.73 -40.83 18.34
C LEU F 113 5.79 -41.78 19.06
N ILE F 114 4.59 -41.29 19.34
CA ILE F 114 3.63 -42.02 20.16
C ILE F 114 2.84 -42.98 19.30
N GLU F 115 2.36 -42.48 18.16
CA GLU F 115 1.77 -43.35 17.13
C GLU F 115 2.73 -44.51 16.86
N LYS F 116 4.03 -44.20 16.76
CA LYS F 116 5.07 -45.19 16.46
C LYS F 116 5.27 -46.20 17.56
N ALA F 117 5.36 -45.72 18.79
CA ALA F 117 5.54 -46.57 19.94
C ALA F 117 4.36 -47.54 20.06
N LEU F 118 3.15 -47.06 19.77
CA LEU F 118 1.93 -47.85 19.90
C LEU F 118 1.87 -48.88 18.78
N SER F 119 2.21 -48.42 17.59
CA SER F 119 2.26 -49.26 16.40
C SER F 119 3.31 -50.39 16.54
N ASP F 120 4.53 -50.07 17.01
CA ASP F 120 5.60 -51.06 17.25
C ASP F 120 5.33 -52.07 18.36
N ASN F 121 4.73 -51.62 19.47
CA ASN F 121 4.69 -52.41 20.72
C ASN F 121 3.39 -53.16 21.01
N PHE F 122 2.34 -52.89 20.21
CA PHE F 122 1.01 -53.41 20.53
C PHE F 122 0.23 -53.99 19.35
N SER G 8 -19.29 34.08 -20.60
CA SER G 8 -18.38 34.28 -21.76
C SER G 8 -18.16 32.97 -22.51
N THR G 9 -18.15 33.03 -23.84
CA THR G 9 -17.84 31.87 -24.69
C THR G 9 -16.41 31.39 -24.51
N GLY G 10 -15.72 31.96 -23.52
CA GLY G 10 -14.39 31.53 -23.19
C GLY G 10 -13.53 31.35 -24.41
N PHE G 11 -13.26 32.45 -25.12
CA PHE G 11 -12.30 32.47 -26.21
C PHE G 11 -10.97 32.99 -25.67
N LEU G 12 -10.02 33.31 -26.55
CA LEU G 12 -8.69 33.70 -26.04
C LEU G 12 -8.82 34.75 -24.93
N VAL G 13 -7.71 35.27 -24.44
CA VAL G 13 -7.76 36.26 -23.35
C VAL G 13 -7.95 37.70 -23.82
N LYS G 14 -8.74 38.47 -23.07
CA LYS G 14 -9.01 39.87 -23.40
C LYS G 14 -7.80 40.78 -23.06
N GLN G 15 -7.40 41.61 -24.02
CA GLN G 15 -6.19 42.43 -23.89
C GLN G 15 -6.13 43.19 -22.57
N ARG G 16 -7.27 43.73 -22.16
CA ARG G 16 -7.39 44.30 -20.83
C ARG G 16 -6.83 43.30 -19.82
N ALA G 17 -7.51 42.18 -19.67
CA ALA G 17 -7.11 41.21 -18.64
C ALA G 17 -5.71 40.65 -18.89
N PHE G 18 -5.19 40.84 -20.11
CA PHE G 18 -3.84 40.36 -20.42
C PHE G 18 -2.85 41.41 -19.95
N LEU G 19 -3.32 42.66 -19.90
CA LEU G 19 -2.43 43.74 -19.47
C LEU G 19 -2.50 43.80 -17.96
N LYS G 20 -3.69 43.64 -17.41
CA LYS G 20 -3.79 43.67 -15.95
C LYS G 20 -2.69 42.75 -15.46
N LEU G 21 -2.80 41.48 -15.84
CA LEU G 21 -1.79 40.46 -15.55
C LEU G 21 -0.43 41.05 -15.27
N TYR G 22 0.12 41.75 -16.26
CA TYR G 22 1.48 42.25 -16.16
C TYR G 22 1.65 43.33 -15.10
N MET G 23 0.54 43.87 -14.63
CA MET G 23 0.57 44.89 -13.58
C MET G 23 0.62 44.30 -12.12
N ILE G 24 -0.12 43.21 -11.84
CA ILE G 24 -0.04 42.63 -10.48
C ILE G 24 1.34 42.00 -10.27
N THR G 25 1.72 41.11 -11.20
CA THR G 25 3.08 40.62 -11.34
C THR G 25 4.08 41.79 -11.20
N MET G 26 4.10 42.66 -12.20
CA MET G 26 5.07 43.78 -12.26
C MET G 26 5.18 44.65 -11.02
N THR G 27 4.05 45.00 -10.41
CA THR G 27 4.13 45.71 -9.17
C THR G 27 5.01 44.86 -8.25
N GLU G 28 4.88 43.54 -8.34
CA GLU G 28 5.65 42.64 -7.50
C GLU G 28 7.16 42.93 -7.47
N GLN G 29 7.73 43.28 -8.62
CA GLN G 29 9.20 43.42 -8.73
C GLN G 29 9.69 44.85 -8.95
N GLU G 30 8.79 45.82 -8.85
CA GLU G 30 9.18 47.20 -9.12
C GLU G 30 7.99 48.15 -9.19
N ARG G 31 7.75 48.87 -8.09
CA ARG G 31 6.68 49.87 -8.06
C ARG G 31 6.93 50.90 -9.17
N LEU G 32 6.31 50.69 -10.33
CA LEU G 32 6.61 51.51 -11.50
C LEU G 32 5.41 52.33 -11.97
N TYR G 33 5.69 53.51 -12.55
CA TYR G 33 4.64 54.42 -12.97
C TYR G 33 4.09 54.09 -14.35
N GLY G 34 2.79 54.36 -14.52
CA GLY G 34 2.12 54.09 -15.77
C GLY G 34 2.99 54.13 -17.02
N LEU G 35 3.65 55.26 -17.26
CA LEU G 35 4.28 55.47 -18.56
C LEU G 35 5.58 54.69 -18.78
N LYS G 36 6.04 53.99 -17.75
CA LYS G 36 7.21 53.13 -17.88
C LYS G 36 6.76 51.69 -18.06
N LEU G 37 5.78 51.28 -17.25
CA LEU G 37 5.09 50.01 -17.45
C LEU G 37 4.72 49.83 -18.93
N LEU G 38 4.96 50.85 -19.74
CA LEU G 38 4.73 50.75 -21.20
C LEU G 38 6.06 50.71 -21.94
N GLU G 39 7.00 51.53 -21.49
CA GLU G 39 8.35 51.48 -22.01
C GLU G 39 8.77 50.02 -22.09
N VAL G 40 8.43 49.27 -21.04
CA VAL G 40 8.95 47.93 -20.84
C VAL G 40 8.14 46.89 -21.60
N LEU G 41 6.83 47.07 -21.64
CA LEU G 41 5.97 46.19 -22.40
C LEU G 41 6.17 46.41 -23.92
N ARG G 42 6.50 47.63 -24.31
CA ARG G 42 6.72 47.92 -25.73
C ARG G 42 8.03 47.30 -26.24
N SER G 43 9.08 47.41 -25.41
CA SER G 43 10.38 46.84 -25.74
C SER G 43 10.31 45.32 -25.76
N GLU G 44 10.02 44.74 -24.60
CA GLU G 44 9.93 43.30 -24.47
C GLU G 44 9.17 42.68 -25.61
N PHE G 45 7.92 43.09 -25.76
CA PHE G 45 6.98 42.44 -26.67
C PHE G 45 7.15 42.77 -28.17
N LYS G 46 7.86 43.86 -28.48
CA LYS G 46 8.01 44.32 -29.87
C LYS G 46 8.47 43.23 -30.84
N GLU G 47 9.70 42.77 -30.62
CA GLU G 47 10.35 41.75 -31.45
C GLU G 47 9.36 40.68 -31.94
N ILE G 48 8.15 40.71 -31.41
CA ILE G 48 7.10 39.80 -31.85
C ILE G 48 6.11 40.52 -32.76
N GLY G 49 5.53 41.61 -32.27
CA GLY G 49 4.56 42.38 -33.06
C GLY G 49 3.57 43.17 -32.21
N PHE G 50 3.59 42.94 -30.90
CA PHE G 50 2.63 43.58 -30.01
C PHE G 50 3.19 44.86 -29.37
N LYS G 51 2.37 45.89 -29.38
CA LYS G 51 2.75 47.20 -28.86
C LYS G 51 1.50 47.93 -28.37
N PRO G 52 1.34 47.99 -27.03
CA PRO G 52 0.21 48.69 -26.43
C PRO G 52 0.43 50.20 -26.34
N ASN G 53 -0.65 50.93 -26.09
CA ASN G 53 -0.60 52.38 -26.12
C ASN G 53 -0.20 53.01 -24.79
N HIS G 54 -1.19 53.11 -23.92
CA HIS G 54 -1.04 53.92 -22.74
C HIS G 54 -2.42 54.29 -22.17
N THR G 55 -3.47 54.12 -22.96
CA THR G 55 -4.83 54.36 -22.47
C THR G 55 -5.40 53.08 -21.89
N GLU G 56 -5.13 51.97 -22.56
CA GLU G 56 -5.50 50.68 -22.02
C GLU G 56 -4.58 50.28 -20.86
N VAL G 57 -3.29 50.59 -20.97
CA VAL G 57 -2.43 50.39 -19.81
C VAL G 57 -3.11 51.11 -18.65
N TYR G 58 -3.30 52.41 -18.82
CA TYR G 58 -3.95 53.25 -17.84
C TYR G 58 -5.34 52.76 -17.43
N ARG G 59 -6.08 52.15 -18.35
CA ARG G 59 -7.44 51.75 -18.00
C ARG G 59 -7.43 50.48 -17.15
N SER G 60 -6.27 49.84 -17.10
CA SER G 60 -6.04 48.63 -16.32
C SER G 60 -5.90 48.99 -14.84
N LEU G 61 -4.72 49.51 -14.51
CA LEU G 61 -4.44 49.98 -13.17
C LEU G 61 -5.76 50.57 -12.71
N HIS G 62 -6.24 51.56 -13.45
CA HIS G 62 -7.51 52.20 -13.11
C HIS G 62 -8.56 51.13 -12.82
N GLU G 63 -8.50 50.01 -13.54
CA GLU G 63 -9.44 48.92 -13.35
C GLU G 63 -9.08 48.14 -12.07
N LEU G 64 -7.82 48.23 -11.68
CA LEU G 64 -7.30 47.59 -10.50
C LEU G 64 -7.50 48.52 -9.30
N LEU G 65 -7.62 49.82 -9.55
CA LEU G 65 -8.06 50.73 -8.49
C LEU G 65 -9.55 50.53 -8.27
N ASP G 66 -10.32 50.71 -9.34
CA ASP G 66 -11.74 50.39 -9.35
C ASP G 66 -11.92 48.93 -8.93
N ASP G 67 -10.82 48.18 -8.88
CA ASP G 67 -10.87 46.76 -8.56
C ASP G 67 -10.74 46.50 -7.04
N GLY G 68 -10.10 47.43 -6.34
CA GLY G 68 -9.75 47.24 -4.94
C GLY G 68 -8.48 46.45 -4.77
N ILE G 69 -7.68 46.39 -5.85
CA ILE G 69 -6.45 45.59 -5.87
C ILE G 69 -5.17 46.43 -5.82
N LEU G 70 -5.24 47.65 -6.33
CA LEU G 70 -4.07 48.53 -6.38
C LEU G 70 -4.29 49.85 -5.66
N LYS G 71 -3.20 50.43 -5.17
CA LYS G 71 -3.24 51.71 -4.47
C LYS G 71 -2.41 52.72 -5.25
N GLN G 72 -2.75 54.00 -5.14
CA GLN G 72 -1.97 55.03 -5.81
C GLN G 72 -1.04 55.74 -4.83
N ILE G 73 0.18 56.02 -5.28
CA ILE G 73 1.09 56.93 -4.60
C ILE G 73 1.52 58.01 -5.57
N LYS G 74 1.36 59.25 -5.17
CA LYS G 74 1.95 60.35 -5.89
C LYS G 74 3.37 60.58 -5.37
N VAL G 75 4.36 60.29 -6.21
CA VAL G 75 5.76 60.60 -5.89
C VAL G 75 6.47 61.25 -7.06
N LYS G 76 7.59 61.90 -6.78
CA LYS G 76 8.29 62.73 -7.77
C LYS G 76 9.40 61.98 -8.48
N LYS G 77 9.46 62.12 -9.81
CA LYS G 77 10.52 61.52 -10.61
C LYS G 77 11.85 62.15 -10.20
N GLU G 78 12.95 61.69 -10.79
CA GLU G 78 14.25 62.34 -10.55
C GLU G 78 14.84 62.96 -11.83
N GLY G 79 14.38 62.49 -12.98
CA GLY G 79 14.81 63.03 -14.27
C GLY G 79 15.57 64.33 -14.14
N ALA G 80 14.84 65.43 -13.96
CA ALA G 80 15.47 66.74 -13.93
C ALA G 80 14.49 67.90 -13.73
N LYS G 81 13.19 67.62 -13.76
CA LYS G 81 12.19 68.67 -13.76
C LYS G 81 11.12 68.50 -12.67
N LEU G 82 11.55 68.60 -11.41
CA LEU G 82 10.64 68.57 -10.27
C LEU G 82 9.26 68.09 -10.70
N GLN G 83 9.16 66.80 -11.03
CA GLN G 83 7.96 66.25 -11.65
C GLN G 83 7.42 65.00 -10.93
N GLU G 84 6.14 65.04 -10.60
CA GLU G 84 5.50 63.92 -9.91
C GLU G 84 4.85 62.95 -10.89
N VAL G 85 5.14 61.67 -10.68
CA VAL G 85 4.57 60.57 -11.45
C VAL G 85 4.06 59.50 -10.48
N VAL G 86 2.97 58.84 -10.86
CA VAL G 86 2.18 58.03 -9.92
C VAL G 86 2.55 56.55 -9.87
N LEU G 87 3.04 56.12 -8.71
CA LEU G 87 3.43 54.72 -8.53
C LEU G 87 2.24 53.90 -8.02
N TYR G 88 2.29 52.60 -8.30
CA TYR G 88 1.24 51.73 -7.79
C TYR G 88 1.72 50.78 -6.69
N GLN G 89 0.85 50.48 -5.73
CA GLN G 89 1.17 49.48 -4.70
C GLN G 89 -0.06 48.81 -4.09
N PHE G 90 0.01 47.48 -4.08
CA PHE G 90 -1.08 46.60 -3.67
C PHE G 90 -1.92 47.19 -2.55
N LYS G 91 -3.22 46.90 -2.56
CA LYS G 91 -4.09 47.24 -1.44
C LYS G 91 -4.57 45.98 -0.71
N ASP G 92 -4.98 44.98 -1.48
CA ASP G 92 -5.44 43.71 -0.93
C ASP G 92 -4.78 42.56 -1.72
N TYR G 93 -3.75 41.98 -1.14
CA TYR G 93 -2.97 40.97 -1.85
C TYR G 93 -3.57 39.58 -1.80
N GLU G 94 -4.90 39.49 -1.72
CA GLU G 94 -5.53 38.17 -1.73
C GLU G 94 -6.47 37.93 -2.89
N ALA G 95 -6.76 38.98 -3.65
CA ALA G 95 -7.68 38.89 -4.77
C ALA G 95 -6.95 39.12 -6.10
N ALA G 96 -5.69 39.51 -6.01
CA ALA G 96 -4.83 39.64 -7.18
C ALA G 96 -4.10 38.32 -7.40
N LYS G 97 -3.78 37.62 -6.31
CA LYS G 97 -3.38 36.23 -6.40
C LYS G 97 -4.59 35.50 -6.98
N LEU G 98 -5.57 35.30 -6.12
CA LEU G 98 -6.87 34.79 -6.56
C LEU G 98 -7.02 35.15 -8.04
N TYR G 99 -7.13 36.44 -8.35
CA TYR G 99 -7.18 36.88 -9.74
C TYR G 99 -6.20 36.08 -10.60
N LYS G 100 -4.91 36.26 -10.35
CA LYS G 100 -3.85 35.43 -10.97
C LYS G 100 -4.33 34.03 -11.26
N LYS G 101 -4.89 33.35 -10.26
CA LYS G 101 -5.44 32.04 -10.52
C LYS G 101 -6.30 32.13 -11.77
N GLN G 102 -7.27 33.03 -11.75
CA GLN G 102 -8.22 33.19 -12.84
C GLN G 102 -7.55 33.22 -14.22
N LEU G 103 -6.38 33.83 -14.29
CA LEU G 103 -5.76 34.08 -15.58
C LEU G 103 -4.97 32.91 -16.13
N LYS G 104 -4.30 32.17 -15.26
CA LYS G 104 -3.48 31.08 -15.76
C LYS G 104 -4.27 30.24 -16.77
N VAL G 105 -5.32 29.61 -16.27
CA VAL G 105 -6.30 28.98 -17.13
C VAL G 105 -6.46 29.76 -18.43
N GLU G 106 -7.15 30.90 -18.37
CA GLU G 106 -7.45 31.63 -19.61
C GLU G 106 -6.28 31.52 -20.56
N LEU G 107 -5.08 31.60 -20.02
CA LEU G 107 -3.86 31.44 -20.79
C LEU G 107 -3.59 29.96 -21.09
N ASP G 108 -3.98 29.08 -20.17
CA ASP G 108 -3.97 27.64 -20.41
C ASP G 108 -4.86 27.27 -21.59
N ARG G 109 -6.15 27.61 -21.50
CA ARG G 109 -7.13 27.18 -22.51
C ARG G 109 -6.74 27.70 -23.88
N SER G 110 -6.47 29.00 -23.96
CA SER G 110 -6.04 29.61 -25.21
C SER G 110 -4.88 28.83 -25.80
N LYS G 111 -3.87 28.55 -24.97
CA LYS G 111 -2.72 27.76 -25.39
C LYS G 111 -3.23 26.57 -26.16
N LYS G 112 -4.20 25.87 -25.58
CA LYS G 112 -4.83 24.79 -26.31
C LYS G 112 -5.48 25.26 -27.63
N LEU G 113 -6.33 26.29 -27.58
CA LEU G 113 -7.09 26.71 -28.75
C LEU G 113 -6.24 26.90 -30.00
N ILE G 114 -5.17 27.67 -29.88
CA ILE G 114 -4.23 27.86 -30.97
C ILE G 114 -3.48 26.56 -31.30
N GLU G 115 -2.65 26.10 -30.36
CA GLU G 115 -1.96 24.82 -30.54
C GLU G 115 -2.78 24.02 -31.52
N LYS G 116 -4.10 24.10 -31.33
CA LYS G 116 -5.04 23.41 -32.19
C LYS G 116 -5.22 24.13 -33.53
N ALA G 117 -5.39 25.44 -33.49
CA ALA G 117 -5.65 26.22 -34.71
C ALA G 117 -4.55 26.00 -35.75
N LEU G 118 -3.31 25.97 -35.27
CA LEU G 118 -2.17 25.72 -36.15
C LEU G 118 -2.08 24.22 -36.44
N SER G 119 -3.02 23.45 -35.90
CA SER G 119 -2.92 22.00 -35.90
C SER G 119 -4.06 21.29 -36.65
N ASP G 120 -5.09 22.05 -37.01
CA ASP G 120 -6.20 21.52 -37.82
C ASP G 120 -6.31 22.28 -39.14
N ASN G 121 -5.75 23.48 -39.19
CA ASN G 121 -5.99 24.39 -40.30
C ASN G 121 -4.80 24.62 -41.22
N PHE G 122 -3.63 24.17 -40.79
CA PHE G 122 -2.40 24.37 -41.54
C PHE G 122 -1.66 23.04 -41.69
N SER H 8 -4.85 48.16 -35.02
CA SER H 8 -4.33 46.86 -34.53
C SER H 8 -3.05 47.06 -33.73
N THR H 9 -3.14 46.84 -32.42
CA THR H 9 -2.02 47.09 -31.53
C THR H 9 -1.06 45.89 -31.53
N GLY H 10 -1.53 44.77 -32.07
CA GLY H 10 -0.71 43.60 -32.30
C GLY H 10 -0.97 42.51 -31.28
N PHE H 11 -2.23 42.36 -30.88
CA PHE H 11 -2.57 41.37 -29.86
C PHE H 11 -3.07 40.03 -30.44
N LEU H 12 -3.92 39.33 -29.68
CA LEU H 12 -4.45 38.05 -30.11
C LEU H 12 -5.26 38.17 -31.40
N VAL H 13 -5.34 37.06 -32.15
CA VAL H 13 -6.18 36.95 -33.33
C VAL H 13 -7.64 37.18 -32.95
N LYS H 14 -8.41 37.82 -33.82
CA LYS H 14 -9.81 38.07 -33.46
C LYS H 14 -10.73 36.89 -33.78
N GLN H 15 -11.61 36.57 -32.82
CA GLN H 15 -12.53 35.45 -32.92
C GLN H 15 -12.95 35.23 -34.39
N ARG H 16 -13.85 36.06 -34.89
CA ARG H 16 -14.23 35.95 -36.29
C ARG H 16 -13.08 35.37 -37.10
N ALA H 17 -11.98 36.10 -37.18
CA ALA H 17 -10.83 35.64 -37.96
C ALA H 17 -10.67 34.15 -37.73
N PHE H 18 -10.55 33.80 -36.44
CA PHE H 18 -10.36 32.43 -36.02
C PHE H 18 -11.39 31.51 -36.67
N LEU H 19 -12.67 31.82 -36.51
CA LEU H 19 -13.72 30.98 -37.10
C LEU H 19 -13.67 31.04 -38.62
N LYS H 20 -13.70 32.24 -39.18
CA LYS H 20 -13.57 32.35 -40.64
C LYS H 20 -12.48 31.41 -41.16
N LEU H 21 -11.44 31.20 -40.37
CA LEU H 21 -10.33 30.34 -40.79
C LEU H 21 -10.79 28.92 -41.04
N TYR H 22 -11.22 28.23 -39.99
CA TYR H 22 -11.70 26.88 -40.16
C TYR H 22 -12.58 26.77 -41.40
N MET H 23 -13.78 27.34 -41.33
CA MET H 23 -14.69 27.31 -42.47
C MET H 23 -13.91 27.13 -43.77
N ILE H 24 -12.79 27.82 -43.87
CA ILE H 24 -11.93 27.74 -45.05
C ILE H 24 -11.21 26.40 -45.14
N THR H 25 -10.59 25.96 -44.05
CA THR H 25 -9.96 24.65 -44.04
C THR H 25 -11.05 23.66 -44.37
N MET H 26 -12.16 23.73 -43.63
CA MET H 26 -13.27 22.82 -43.85
C MET H 26 -13.66 22.76 -45.34
N THR H 27 -13.86 23.92 -45.95
CA THR H 27 -14.15 23.96 -47.38
C THR H 27 -13.19 23.10 -48.20
N GLU H 28 -11.90 23.33 -48.03
CA GLU H 28 -10.88 22.60 -48.79
C GLU H 28 -10.88 21.08 -48.54
N GLN H 29 -11.32 20.67 -47.35
CA GLN H 29 -11.51 19.25 -47.07
C GLN H 29 -12.83 18.81 -47.73
N GLU H 30 -13.55 19.78 -48.24
CA GLU H 30 -14.92 19.57 -48.70
C GLU H 30 -15.71 19.07 -47.51
N ARG H 31 -15.04 19.04 -46.35
CA ARG H 31 -15.68 18.64 -45.10
C ARG H 31 -16.82 19.59 -44.75
N LEU H 32 -16.64 20.87 -45.05
CA LEU H 32 -17.69 21.84 -44.82
C LEU H 32 -18.87 21.47 -45.68
N TYR H 33 -20.04 22.00 -45.32
CA TYR H 33 -21.26 21.68 -46.06
C TYR H 33 -22.48 22.50 -45.62
N GLY H 34 -23.64 21.88 -45.79
CA GLY H 34 -24.92 22.54 -45.58
C GLY H 34 -25.29 22.84 -44.16
N LEU H 35 -26.58 23.06 -43.94
CA LEU H 35 -27.09 23.60 -42.68
C LEU H 35 -26.72 22.77 -41.44
N LYS H 36 -25.44 22.78 -41.09
CA LYS H 36 -24.93 21.99 -39.96
C LYS H 36 -23.69 22.60 -39.28
N LEU H 37 -23.10 23.60 -39.93
CA LEU H 37 -21.94 24.28 -39.36
C LEU H 37 -21.93 24.23 -37.84
N LEU H 38 -22.60 25.20 -37.23
CA LEU H 38 -22.64 25.34 -35.76
C LEU H 38 -22.26 24.08 -35.00
N GLU H 39 -23.21 23.16 -34.85
CA GLU H 39 -22.97 21.94 -34.09
C GLU H 39 -22.01 21.00 -34.84
N VAL H 40 -21.01 21.61 -35.46
CA VAL H 40 -19.89 20.90 -36.06
C VAL H 40 -18.63 21.74 -35.87
N LEU H 41 -18.62 22.98 -36.35
CA LEU H 41 -17.55 23.85 -35.93
C LEU H 41 -17.38 23.48 -34.46
N ARG H 42 -18.52 23.45 -33.77
CA ARG H 42 -18.54 23.03 -32.37
C ARG H 42 -17.85 21.69 -32.22
N SER H 43 -18.55 20.62 -32.56
CA SER H 43 -17.99 19.29 -32.38
C SER H 43 -16.46 19.31 -32.47
N GLU H 44 -15.92 20.30 -33.16
CA GLU H 44 -14.49 20.40 -33.36
C GLU H 44 -13.79 21.07 -32.17
N PHE H 45 -14.55 21.81 -31.37
CA PHE H 45 -13.97 22.42 -30.17
C PHE H 45 -14.43 21.76 -28.86
N LYS H 46 -15.17 22.50 -28.05
CA LYS H 46 -15.62 22.05 -26.74
C LYS H 46 -14.51 21.36 -25.90
N GLU H 47 -14.02 20.21 -26.36
CA GLU H 47 -12.92 19.55 -25.64
C GLU H 47 -11.88 20.60 -25.23
N ILE H 48 -11.67 21.61 -26.05
CA ILE H 48 -10.72 22.67 -25.70
C ILE H 48 -11.35 23.66 -24.71
N GLY H 49 -12.67 23.86 -24.82
CA GLY H 49 -13.38 24.67 -23.84
C GLY H 49 -13.99 25.90 -24.47
N PHE H 50 -13.93 25.96 -25.79
CA PHE H 50 -14.49 27.06 -26.56
C PHE H 50 -15.80 26.60 -27.16
N LYS H 51 -16.78 27.51 -27.15
CA LYS H 51 -18.13 27.21 -27.62
C LYS H 51 -18.70 28.45 -28.27
N PRO H 52 -18.61 28.54 -29.60
CA PRO H 52 -19.18 29.71 -30.22
C PRO H 52 -20.70 29.63 -30.27
N ASN H 53 -21.37 30.77 -30.16
CA ASN H 53 -22.83 30.77 -30.24
C ASN H 53 -23.32 31.04 -31.67
N HIS H 54 -24.47 30.47 -32.01
CA HIS H 54 -25.03 30.59 -33.34
C HIS H 54 -24.75 31.94 -33.99
N THR H 55 -24.99 33.01 -33.23
CA THR H 55 -24.74 34.36 -33.75
C THR H 55 -23.28 34.49 -34.23
N GLU H 56 -22.37 33.87 -33.50
CA GLU H 56 -20.95 33.92 -33.85
C GLU H 56 -20.65 33.31 -35.20
N VAL H 57 -20.84 32.01 -35.31
CA VAL H 57 -20.49 31.27 -36.52
C VAL H 57 -21.19 31.83 -37.77
N TYR H 58 -22.42 32.30 -37.60
CA TYR H 58 -23.14 32.92 -38.71
C TYR H 58 -22.38 34.16 -39.17
N ARG H 59 -22.37 35.20 -38.34
CA ARG H 59 -21.71 36.46 -38.71
C ARG H 59 -20.33 36.23 -39.35
N SER H 60 -19.62 35.21 -38.86
CA SER H 60 -18.32 34.86 -39.43
C SER H 60 -18.43 34.47 -40.89
N LEU H 61 -19.30 33.51 -41.18
CA LEU H 61 -19.42 32.99 -42.53
C LEU H 61 -20.05 34.03 -43.47
N HIS H 62 -21.27 34.41 -43.14
CA HIS H 62 -21.94 35.46 -43.87
C HIS H 62 -20.93 36.57 -44.11
N GLU H 63 -19.85 36.56 -43.33
CA GLU H 63 -18.77 37.50 -43.57
C GLU H 63 -17.94 37.02 -44.75
N LEU H 64 -17.77 35.70 -44.84
CA LEU H 64 -17.04 35.14 -45.97
C LEU H 64 -17.72 35.38 -47.34
N LEU H 65 -19.00 35.04 -47.42
CA LEU H 65 -19.77 35.25 -48.64
C LEU H 65 -19.66 36.69 -49.11
N ASP H 66 -20.06 37.61 -48.23
CA ASP H 66 -19.95 39.03 -48.49
C ASP H 66 -18.52 39.35 -48.90
N ASP H 67 -17.57 38.80 -48.13
CA ASP H 67 -16.16 38.87 -48.44
C ASP H 67 -15.86 38.28 -49.84
N GLY H 68 -16.73 37.39 -50.31
CA GLY H 68 -16.58 36.78 -51.63
C GLY H 68 -15.82 35.47 -51.71
N ILE H 69 -15.22 35.03 -50.61
CA ILE H 69 -14.42 33.80 -50.62
C ILE H 69 -15.28 32.53 -50.70
N LEU H 70 -16.51 32.66 -50.26
CA LEU H 70 -17.38 31.52 -50.33
C LEU H 70 -18.60 31.81 -51.19
N LYS H 71 -18.99 30.80 -51.95
CA LYS H 71 -20.32 30.76 -52.53
C LYS H 71 -21.05 29.57 -51.91
N GLN H 72 -22.28 29.80 -51.49
CA GLN H 72 -23.16 28.71 -51.11
C GLN H 72 -23.66 28.02 -52.39
N ILE H 73 -23.72 26.68 -52.33
CA ILE H 73 -24.19 25.89 -53.47
C ILE H 73 -25.14 24.79 -53.00
N LYS H 74 -26.01 24.37 -53.91
CA LYS H 74 -27.02 23.35 -53.62
C LYS H 74 -26.91 22.21 -54.64
N VAL H 75 -26.92 20.97 -54.16
CA VAL H 75 -26.74 19.82 -55.06
C VAL H 75 -27.66 18.63 -54.73
N LYS H 76 -27.24 17.44 -55.14
CA LYS H 76 -28.05 16.22 -54.98
C LYS H 76 -28.24 15.78 -53.54
N GLU H 84 -32.13 18.18 -50.28
CA GLU H 84 -31.30 19.23 -50.86
C GLU H 84 -30.09 19.55 -50.00
N VAL H 85 -28.91 19.22 -50.50
CA VAL H 85 -27.66 19.44 -49.78
C VAL H 85 -27.14 20.85 -49.95
N VAL H 86 -26.39 21.33 -48.96
CA VAL H 86 -25.70 22.61 -49.06
C VAL H 86 -24.19 22.39 -49.15
N LEU H 87 -23.58 23.03 -50.15
CA LEU H 87 -22.16 22.89 -50.40
C LEU H 87 -21.54 24.25 -50.75
N TYR H 88 -20.83 24.83 -49.80
CA TYR H 88 -20.09 26.05 -50.02
C TYR H 88 -18.86 25.74 -50.85
N GLN H 89 -18.43 26.70 -51.67
CA GLN H 89 -17.16 26.56 -52.40
C GLN H 89 -16.54 27.91 -52.75
N PHE H 90 -15.29 28.10 -52.34
CA PHE H 90 -14.58 29.34 -52.57
C PHE H 90 -15.06 29.99 -53.85
N LYS H 91 -15.73 31.13 -53.77
CA LYS H 91 -16.08 31.88 -54.97
C LYS H 91 -14.83 32.52 -55.52
N ASP H 92 -13.93 32.87 -54.60
CA ASP H 92 -12.59 33.32 -54.96
C ASP H 92 -11.63 32.66 -53.96
N TYR H 93 -10.82 31.72 -54.46
CA TYR H 93 -10.01 30.86 -53.59
C TYR H 93 -8.57 31.34 -53.45
N GLU H 94 -7.92 31.65 -54.57
CA GLU H 94 -6.59 32.24 -54.52
C GLU H 94 -6.65 33.40 -53.53
N ALA H 95 -7.72 34.19 -53.63
CA ALA H 95 -7.96 35.25 -52.67
C ALA H 95 -8.35 34.66 -51.31
N ALA H 96 -7.91 33.44 -51.02
CA ALA H 96 -8.27 32.78 -49.77
C ALA H 96 -7.08 32.10 -49.07
N LYS H 97 -6.21 31.45 -49.85
CA LYS H 97 -4.92 31.01 -49.33
C LYS H 97 -4.25 32.22 -48.68
N LEU H 98 -4.64 33.41 -49.14
CA LEU H 98 -4.12 34.66 -48.59
C LEU H 98 -4.55 34.85 -47.14
N TYR H 99 -5.85 34.74 -46.90
CA TYR H 99 -6.40 34.83 -45.56
C TYR H 99 -5.65 33.85 -44.63
N LYS H 100 -5.91 32.57 -44.81
CA LYS H 100 -5.23 31.54 -44.01
C LYS H 100 -3.76 31.92 -43.88
N LYS H 101 -3.15 32.32 -45.00
CA LYS H 101 -1.78 32.78 -44.98
C LYS H 101 -1.67 33.80 -43.85
N GLN H 102 -2.40 34.90 -44.02
CA GLN H 102 -2.35 36.02 -43.08
C GLN H 102 -2.66 35.55 -41.67
N LEU H 103 -3.45 34.48 -41.57
CA LEU H 103 -3.94 33.99 -40.29
C LEU H 103 -2.94 33.08 -39.58
N LYS H 104 -2.13 32.37 -40.36
CA LYS H 104 -1.06 31.56 -39.78
C LYS H 104 -0.22 32.44 -38.86
N VAL H 105 0.21 33.58 -39.40
CA VAL H 105 0.95 34.57 -38.64
C VAL H 105 0.16 34.90 -37.38
N GLU H 106 -0.93 35.63 -37.58
CA GLU H 106 -1.83 35.98 -36.49
C GLU H 106 -1.85 34.81 -35.53
N LEU H 107 -1.77 33.62 -36.10
CA LEU H 107 -1.69 32.36 -35.37
C LEU H 107 -0.42 32.26 -34.53
N ASP H 108 0.73 32.19 -35.17
CA ASP H 108 1.98 32.18 -34.41
C ASP H 108 2.00 33.42 -33.54
N ARG H 109 2.10 34.59 -34.18
CA ARG H 109 2.05 35.84 -33.44
C ARG H 109 1.38 35.53 -32.11
N SER H 110 0.12 35.11 -32.17
CA SER H 110 -0.61 34.65 -31.00
C SER H 110 0.25 33.72 -30.17
N LYS H 111 0.43 32.50 -30.68
CA LYS H 111 1.19 31.46 -29.97
C LYS H 111 2.30 32.07 -29.13
N LYS H 112 3.13 32.90 -29.75
CA LYS H 112 4.21 33.56 -29.01
C LYS H 112 3.63 34.26 -27.78
N LEU H 113 2.86 35.32 -27.99
CA LEU H 113 2.26 36.06 -26.87
C LEU H 113 1.95 35.17 -25.67
N ILE H 114 0.90 34.39 -25.79
CA ILE H 114 0.38 33.64 -24.67
C ILE H 114 1.50 32.92 -23.92
N GLU H 115 2.40 32.27 -24.65
CA GLU H 115 3.49 31.56 -24.00
C GLU H 115 4.21 32.49 -23.04
N LYS H 116 4.38 33.76 -23.43
CA LYS H 116 5.02 34.71 -22.53
C LYS H 116 4.21 34.91 -21.26
N ALA H 117 2.91 35.13 -21.38
CA ALA H 117 2.07 35.29 -20.20
C ALA H 117 2.39 34.22 -19.17
N LEU H 118 2.41 32.97 -19.60
CA LEU H 118 2.61 31.86 -18.67
C LEU H 118 4.06 31.80 -18.18
N SER H 119 4.92 32.56 -18.87
CA SER H 119 6.34 32.53 -18.57
C SER H 119 6.75 33.74 -17.70
N ASP H 120 6.35 34.92 -18.13
CA ASP H 120 6.70 36.17 -17.46
C ASP H 120 5.84 36.41 -16.23
N ASN H 121 4.62 35.87 -16.24
CA ASN H 121 3.67 36.23 -15.21
C ASN H 121 3.44 35.14 -14.14
N PHE H 122 3.96 33.93 -14.35
CA PHE H 122 3.69 32.83 -13.42
C PHE H 122 4.92 32.12 -12.86
#